data_6S7V
#
_entry.id   6S7V
#
_cell.length_a   51.390
_cell.length_b   162.470
_cell.length_c   191.050
_cell.angle_alpha   90.000
_cell.angle_beta   90.000
_cell.angle_gamma   90.000
#
_symmetry.space_group_name_H-M   'C 2 2 21'
#
_entity_poly.entity_id   1
_entity_poly.type   'polypeptide(L)'
_entity_poly.pdbx_seq_one_letter_code
;ANHKNFILMLIILFLMEFARGMYILSYINFLPTVTSIAVAITSLAFSIHFIADASTNFVIGFLLKKFGTKIVLTTGFILA
FTSLFLVIWFPASPFVIIFSAMMLGIAVSPIWVIMLSSVEEDKRGKQMGYVYFSWLLGLLVGMVFMNLLIKVHPTRFAFM
MSLVVLIAWILYYFVDVKLTNYNTRPVKAQLRQIVDVTKRHLLLFPGILLQGAAIAALVPILPTYATKVINVSTIEYTVA
IIIGGIGCAVSMLFLSKLIDNRSRNFMYGVILSGFILYMILIFTLSMIVNIHILWIIALAIGLMYGILLPAWNTFMARFI
KSDEQEETWGVFNSIQGFGSMIGPLFGGLITQFTNNLNNTFYFSALIFLVLAVFYGSY
;
_entity_poly.pdbx_strand_id   A
#
# COMPACT_ATOMS: atom_id res chain seq x y z
N ALA A 1 -1.60 26.62 -0.18
CA ALA A 1 -0.30 26.50 -0.82
C ALA A 1 -0.07 25.09 -1.34
N ASN A 2 -1.05 24.60 -2.12
CA ASN A 2 -1.19 23.16 -2.30
C ASN A 2 0.01 22.52 -2.99
N HIS A 3 0.66 23.23 -3.93
CA HIS A 3 1.84 22.64 -4.57
C HIS A 3 3.04 22.62 -3.63
N LYS A 4 3.20 23.67 -2.81
CA LYS A 4 4.27 23.64 -1.81
C LYS A 4 3.99 22.56 -0.77
N ASN A 5 2.71 22.31 -0.47
CA ASN A 5 2.31 21.29 0.48
C ASN A 5 2.10 19.92 -0.16
N PHE A 6 1.89 19.83 -1.47
CA PHE A 6 2.01 18.52 -2.08
C PHE A 6 3.41 18.00 -1.93
N ILE A 7 4.41 18.88 -2.01
CA ILE A 7 5.78 18.47 -1.76
C ILE A 7 5.93 17.98 -0.33
N LEU A 8 5.53 18.83 0.62
CA LEU A 8 5.72 18.48 2.02
C LEU A 8 5.06 17.16 2.34
N MET A 9 3.79 17.01 1.96
CA MET A 9 3.10 15.77 2.25
C MET A 9 3.76 14.61 1.54
N LEU A 10 4.27 14.84 0.32
CA LEU A 10 5.00 13.79 -0.39
C LEU A 10 6.16 13.29 0.44
N ILE A 11 6.87 14.21 1.10
CA ILE A 11 7.97 13.79 1.95
C ILE A 11 7.44 13.14 3.22
N ILE A 12 6.38 13.70 3.81
CA ILE A 12 5.86 13.15 5.06
C ILE A 12 5.41 11.72 4.85
N LEU A 13 4.60 11.50 3.81
CA LEU A 13 4.24 10.13 3.46
C LEU A 13 5.48 9.27 3.30
N PHE A 14 6.45 9.73 2.49
CA PHE A 14 7.66 8.91 2.31
C PHE A 14 8.28 8.58 3.66
N LEU A 15 8.42 9.60 4.53
CA LEU A 15 9.07 9.35 5.80
C LEU A 15 8.26 8.39 6.64
N MET A 16 6.92 8.50 6.58
CA MET A 16 6.09 7.54 7.30
C MET A 16 6.23 6.14 6.74
N GLU A 17 6.39 6.00 5.43
CA GLU A 17 6.68 4.67 4.91
C GLU A 17 8.06 4.18 5.33
N PHE A 18 8.98 5.12 5.61
CA PHE A 18 10.26 4.70 6.17
C PHE A 18 10.06 4.01 7.50
N ALA A 19 8.98 4.35 8.21
CA ALA A 19 8.69 3.70 9.47
C ALA A 19 8.07 2.33 9.30
N ARG A 20 7.85 1.89 8.06
CA ARG A 20 7.64 0.48 7.76
C ARG A 20 8.94 -0.27 7.52
N GLY A 21 10.09 0.41 7.55
CA GLY A 21 11.31 -0.30 7.80
C GLY A 21 11.44 -0.72 9.25
N MET A 22 10.47 -0.35 10.06
CA MET A 22 10.43 -0.83 11.44
C MET A 22 9.47 -1.99 11.63
N TYR A 23 8.25 -1.67 11.98
CA TYR A 23 7.39 -2.66 12.57
C TYR A 23 6.70 -3.53 11.56
N ILE A 24 7.17 -3.56 10.32
CA ILE A 24 6.58 -4.49 9.38
C ILE A 24 7.65 -5.30 8.67
N LEU A 25 8.27 -4.71 7.65
CA LEU A 25 9.10 -5.49 6.74
C LEU A 25 10.43 -5.92 7.38
N SER A 26 11.04 -5.09 8.21
CA SER A 26 12.37 -5.47 8.67
C SER A 26 12.38 -5.91 10.13
N TYR A 27 12.07 -4.99 11.05
CA TYR A 27 12.35 -5.23 12.46
C TYR A 27 11.45 -6.32 13.04
N ILE A 28 10.17 -6.30 12.71
CA ILE A 28 9.30 -7.37 13.19
C ILE A 28 9.77 -8.72 12.62
N ASN A 29 10.15 -8.72 11.34
CA ASN A 29 10.57 -9.93 10.68
C ASN A 29 11.82 -10.51 11.34
N PHE A 30 12.58 -9.70 12.07
CA PHE A 30 13.82 -10.22 12.63
C PHE A 30 13.70 -10.79 14.04
N LEU A 31 12.72 -10.37 14.84
CA LEU A 31 12.73 -10.67 16.26
C LEU A 31 12.98 -12.14 16.61
N PRO A 32 12.33 -13.13 15.98
CA PRO A 32 12.53 -14.52 16.44
C PRO A 32 13.97 -14.97 16.38
N THR A 33 14.75 -14.49 15.42
CA THR A 33 16.13 -14.96 15.28
C THR A 33 16.99 -14.60 16.49
N VAL A 34 16.86 -13.37 16.97
CA VAL A 34 17.72 -12.91 18.06
C VAL A 34 17.09 -13.11 19.43
N THR A 35 15.77 -13.18 19.52
CA THR A 35 15.07 -13.24 20.79
C THR A 35 14.26 -14.54 20.86
N SER A 36 13.58 -14.69 22.00
CA SER A 36 12.68 -15.81 22.23
C SER A 36 11.26 -15.51 21.81
N ILE A 37 11.04 -14.36 21.16
CA ILE A 37 9.72 -14.04 20.64
C ILE A 37 9.31 -15.06 19.59
N ALA A 38 8.04 -15.47 19.66
CA ALA A 38 7.54 -16.54 18.83
C ALA A 38 7.75 -16.26 17.35
N VAL A 39 8.02 -17.33 16.61
CA VAL A 39 8.12 -17.22 15.16
C VAL A 39 6.80 -16.78 14.56
N ALA A 40 5.68 -17.03 15.27
CA ALA A 40 4.34 -16.67 14.84
C ALA A 40 3.91 -15.29 15.30
N ILE A 41 4.36 -14.86 16.49
CA ILE A 41 3.90 -13.59 17.04
C ILE A 41 4.29 -12.43 16.13
N THR A 42 5.49 -12.49 15.54
CA THR A 42 5.85 -11.50 14.55
C THR A 42 4.98 -11.61 13.31
N SER A 43 4.56 -12.83 12.95
CA SER A 43 3.65 -13.00 11.83
C SER A 43 2.24 -12.55 12.16
N LEU A 44 1.89 -12.47 13.44
CA LEU A 44 0.58 -11.96 13.82
C LEU A 44 0.58 -10.44 13.93
N ALA A 45 1.63 -9.85 14.51
CA ALA A 45 1.70 -8.40 14.63
C ALA A 45 1.68 -7.74 13.26
N PHE A 46 2.25 -8.42 12.27
CA PHE A 46 2.22 -7.96 10.88
C PHE A 46 0.78 -7.74 10.41
N SER A 47 -0.09 -8.73 10.65
CA SER A 47 -1.43 -8.66 10.09
C SER A 47 -2.35 -7.78 10.94
N ILE A 48 -2.21 -7.83 12.27
CA ILE A 48 -2.93 -6.91 13.16
C ILE A 48 -2.47 -5.48 12.93
N HIS A 49 -1.27 -5.29 12.35
CA HIS A 49 -0.93 -3.98 11.84
C HIS A 49 -1.79 -3.61 10.65
N PHE A 50 -1.92 -4.54 9.68
CA PHE A 50 -2.63 -4.19 8.45
C PHE A 50 -4.13 -4.16 8.63
N ILE A 51 -4.70 -5.02 9.50
CA ILE A 51 -6.12 -4.87 9.79
C ILE A 51 -6.36 -3.55 10.51
N ALA A 52 -5.40 -3.10 11.31
CA ALA A 52 -5.56 -1.81 11.98
C ALA A 52 -5.64 -0.69 10.97
N ASP A 53 -4.76 -0.69 9.97
CA ASP A 53 -4.81 0.33 8.92
C ASP A 53 -6.11 0.23 8.14
N ALA A 54 -6.44 -0.97 7.64
CA ALA A 54 -7.60 -1.12 6.77
C ALA A 54 -8.88 -0.77 7.49
N SER A 55 -8.97 -1.12 8.77
CA SER A 55 -10.16 -0.78 9.55
C SER A 55 -10.21 0.71 9.86
N THR A 56 -9.09 1.26 10.31
CA THR A 56 -9.09 2.66 10.72
C THR A 56 -9.27 3.59 9.55
N ASN A 57 -9.03 3.13 8.31
CA ASN A 57 -9.10 4.01 7.16
C ASN A 57 -10.48 4.64 7.01
N PHE A 58 -11.52 3.81 6.92
CA PHE A 58 -12.81 4.39 6.55
C PHE A 58 -13.36 5.26 7.66
N VAL A 59 -13.17 4.86 8.92
CA VAL A 59 -13.65 5.67 10.03
C VAL A 59 -12.87 6.98 10.12
N ILE A 60 -11.56 6.93 9.88
CA ILE A 60 -10.75 8.14 9.99
C ILE A 60 -11.10 9.12 8.87
N GLY A 61 -11.58 8.62 7.74
CA GLY A 61 -11.98 9.54 6.68
C GLY A 61 -13.04 10.52 7.16
N PHE A 62 -14.07 10.01 7.83
CA PHE A 62 -15.06 10.87 8.46
C PHE A 62 -14.47 11.62 9.64
N LEU A 63 -13.64 10.95 10.46
CA LEU A 63 -13.10 11.60 11.65
C LEU A 63 -12.33 12.86 11.29
N LEU A 64 -11.79 12.91 10.08
CA LEU A 64 -11.28 14.16 9.55
C LEU A 64 -12.33 14.96 8.78
N LYS A 65 -13.39 14.33 8.29
CA LYS A 65 -14.31 15.07 7.43
C LYS A 65 -14.92 16.26 8.15
N LYS A 66 -15.15 16.14 9.46
CA LYS A 66 -15.70 17.25 10.23
C LYS A 66 -15.10 17.39 11.62
N PHE A 67 -14.70 16.30 12.27
CA PHE A 67 -14.28 16.41 13.67
C PHE A 67 -12.94 17.13 13.81
N GLY A 68 -12.06 17.02 12.81
CA GLY A 68 -10.78 17.68 12.97
C GLY A 68 -10.00 17.65 11.68
N THR A 69 -8.82 18.29 11.72
CA THR A 69 -7.86 18.30 10.61
C THR A 69 -6.43 18.18 11.13
N LYS A 70 -5.93 19.26 11.73
CA LYS A 70 -4.54 19.26 12.18
C LYS A 70 -4.31 18.26 13.31
N ILE A 71 -5.28 18.12 14.23
CA ILE A 71 -5.02 17.26 15.39
C ILE A 71 -5.07 15.77 15.02
N VAL A 72 -5.92 15.37 14.08
CA VAL A 72 -5.99 13.96 13.72
C VAL A 72 -4.68 13.49 13.12
N LEU A 73 -4.07 14.34 12.27
CA LEU A 73 -2.68 14.10 11.88
C LEU A 73 -1.75 14.19 13.08
N THR A 74 -2.05 15.10 14.02
CA THR A 74 -1.20 15.20 15.20
C THR A 74 -1.38 14.02 16.14
N THR A 75 -2.63 13.57 16.35
CA THR A 75 -2.81 12.39 17.19
C THR A 75 -2.19 11.16 16.54
N GLY A 76 -2.24 11.07 15.21
CA GLY A 76 -1.56 9.98 14.54
C GLY A 76 -0.05 10.08 14.73
N PHE A 77 0.48 11.30 14.67
CA PHE A 77 1.90 11.46 14.91
C PHE A 77 2.28 11.04 16.32
N ILE A 78 1.43 11.36 17.30
CA ILE A 78 1.73 11.01 18.68
C ILE A 78 1.70 9.50 18.87
N LEU A 79 0.61 8.86 18.47
CA LEU A 79 0.52 7.43 18.74
C LEU A 79 1.56 6.64 17.96
N ALA A 80 1.90 7.09 16.74
CA ALA A 80 2.96 6.42 16.00
C ALA A 80 4.30 6.59 16.68
N PHE A 81 4.64 7.83 17.04
CA PHE A 81 5.95 8.08 17.65
C PHE A 81 6.07 7.36 18.99
N THR A 82 4.98 7.31 19.75
CA THR A 82 5.03 6.68 21.06
C THR A 82 5.05 5.18 20.95
N SER A 83 4.29 4.60 20.03
CA SER A 83 4.33 3.16 19.87
C SER A 83 5.68 2.72 19.34
N LEU A 84 6.31 3.51 18.48
CA LEU A 84 7.69 3.19 18.11
C LEU A 84 8.66 3.51 19.24
N PHE A 85 8.32 4.46 20.10
CA PHE A 85 9.12 4.70 21.28
C PHE A 85 9.00 3.57 22.29
N LEU A 86 7.92 2.80 22.21
CA LEU A 86 7.82 1.67 23.12
C LEU A 86 8.90 0.65 22.86
N VAL A 87 9.16 0.38 21.57
CA VAL A 87 10.15 -0.65 21.25
C VAL A 87 11.56 -0.21 21.61
N ILE A 88 11.85 1.10 21.59
CA ILE A 88 13.22 1.51 21.84
C ILE A 88 13.62 1.19 23.28
N TRP A 89 12.64 1.19 24.20
CA TRP A 89 12.88 0.85 25.60
C TRP A 89 12.50 -0.59 25.96
N PHE A 90 11.50 -1.16 25.28
CA PHE A 90 11.01 -2.51 25.57
C PHE A 90 11.04 -3.28 24.26
N PRO A 91 12.21 -3.75 23.86
CA PRO A 91 12.35 -4.37 22.52
C PRO A 91 11.69 -5.73 22.42
N ALA A 92 12.07 -6.66 23.29
CA ALA A 92 11.67 -8.05 23.16
C ALA A 92 10.31 -8.36 23.77
N SER A 93 9.67 -7.43 24.45
CA SER A 93 8.35 -7.76 24.99
C SER A 93 7.39 -7.98 23.84
N PRO A 94 6.74 -9.15 23.75
CA PRO A 94 5.81 -9.39 22.63
C PRO A 94 4.65 -8.42 22.61
N PHE A 95 4.21 -7.98 23.79
CA PHE A 95 3.03 -7.12 23.84
C PHE A 95 3.30 -5.77 23.19
N VAL A 96 4.46 -5.18 23.46
CA VAL A 96 4.81 -3.92 22.80
C VAL A 96 4.89 -4.13 21.30
N ILE A 97 5.32 -5.32 20.88
CA ILE A 97 5.50 -5.59 19.46
C ILE A 97 4.15 -5.65 18.76
N ILE A 98 3.23 -6.48 19.27
CA ILE A 98 1.92 -6.59 18.65
C ILE A 98 1.11 -5.29 18.81
N PHE A 99 1.36 -4.53 19.88
CA PHE A 99 0.62 -3.30 20.11
C PHE A 99 1.09 -2.20 19.17
N SER A 100 2.39 -1.95 19.11
CA SER A 100 2.88 -0.85 18.30
C SER A 100 2.63 -1.08 16.83
N ALA A 101 2.66 -2.34 16.38
CA ALA A 101 2.27 -2.62 15.01
C ALA A 101 0.81 -2.25 14.78
N MET A 102 -0.01 -2.47 15.81
CA MET A 102 -1.40 -2.02 15.70
C MET A 102 -1.45 -0.50 15.64
N MET A 103 -0.62 0.19 16.44
CA MET A 103 -0.70 1.63 16.54
C MET A 103 0.00 2.35 15.39
N LEU A 104 1.19 1.85 14.99
CA LEU A 104 1.84 2.37 13.80
C LEU A 104 0.98 2.12 12.57
N GLY A 105 0.16 1.06 12.60
CA GLY A 105 -0.76 0.84 11.50
C GLY A 105 -1.91 1.82 11.48
N ILE A 106 -2.27 2.40 12.62
CA ILE A 106 -3.33 3.40 12.62
C ILE A 106 -2.85 4.69 11.99
N ALA A 107 -1.66 5.17 12.40
CA ALA A 107 -1.25 6.54 12.08
C ALA A 107 -1.05 6.76 10.59
N VAL A 108 -0.65 5.72 9.85
CA VAL A 108 -0.35 5.88 8.43
C VAL A 108 -1.62 6.21 7.64
N SER A 109 -2.77 5.69 8.07
CA SER A 109 -4.02 5.90 7.35
C SER A 109 -4.42 7.37 7.21
N PRO A 110 -4.43 8.18 8.28
CA PRO A 110 -4.81 9.60 8.09
C PRO A 110 -3.92 10.31 7.10
N ILE A 111 -2.61 10.04 7.16
CA ILE A 111 -1.70 10.70 6.23
C ILE A 111 -2.03 10.26 4.82
N TRP A 112 -2.40 9.00 4.64
CA TRP A 112 -2.71 8.52 3.29
C TRP A 112 -3.95 9.20 2.72
N VAL A 113 -5.04 9.20 3.49
CA VAL A 113 -6.28 9.73 2.93
C VAL A 113 -6.18 11.23 2.73
N ILE A 114 -5.62 11.94 3.72
CA ILE A 114 -5.44 13.37 3.56
C ILE A 114 -4.51 13.65 2.40
N MET A 115 -3.57 12.72 2.14
CA MET A 115 -2.65 12.84 1.01
C MET A 115 -3.38 12.75 -0.32
N LEU A 116 -4.21 11.73 -0.49
CA LEU A 116 -4.89 11.60 -1.78
C LEU A 116 -6.29 12.24 -1.81
N SER A 117 -6.80 12.75 -0.70
CA SER A 117 -8.09 13.43 -0.74
C SER A 117 -7.98 14.93 -0.97
N SER A 118 -6.76 15.49 -1.07
CA SER A 118 -6.62 16.93 -1.06
C SER A 118 -5.59 17.46 -2.07
N VAL A 119 -4.30 17.17 -1.86
CA VAL A 119 -3.26 17.89 -2.58
C VAL A 119 -3.25 17.59 -4.08
N GLU A 120 -3.79 16.45 -4.51
CA GLU A 120 -3.96 16.22 -5.95
C GLU A 120 -5.08 17.09 -6.51
N GLU A 121 -4.93 17.48 -7.78
CA GLU A 121 -5.81 18.46 -8.40
C GLU A 121 -6.88 17.83 -9.28
N ASP A 122 -6.97 16.50 -9.32
CA ASP A 122 -7.88 15.75 -10.18
C ASP A 122 -7.58 15.91 -11.66
N LYS A 123 -6.42 16.54 -11.92
CA LYS A 123 -5.66 16.49 -13.19
C LYS A 123 -4.36 15.90 -12.65
N ARG A 124 -4.51 14.77 -11.94
CA ARG A 124 -3.48 14.14 -11.11
C ARG A 124 -3.05 12.76 -11.60
N GLY A 125 -2.56 12.73 -12.84
CA GLY A 125 -1.99 11.50 -13.43
C GLY A 125 -0.56 11.36 -12.96
N LYS A 126 0.04 12.49 -12.55
CA LYS A 126 1.43 12.55 -12.02
C LYS A 126 1.34 12.47 -10.48
N GLN A 127 0.59 13.38 -9.86
CA GLN A 127 0.43 13.32 -8.39
C GLN A 127 0.27 11.90 -7.88
N MET A 128 -0.85 11.26 -8.09
CA MET A 128 -0.81 9.93 -7.49
C MET A 128 0.42 9.14 -7.94
N GLY A 129 1.02 9.45 -9.09
CA GLY A 129 2.25 8.76 -9.45
C GLY A 129 3.38 9.10 -8.50
N TYR A 130 3.50 10.37 -8.15
CA TYR A 130 4.50 10.77 -7.17
C TYR A 130 4.17 10.19 -5.80
N VAL A 131 2.90 10.13 -5.45
CA VAL A 131 2.53 9.61 -4.14
C VAL A 131 2.87 8.12 -4.03
N TYR A 132 2.46 7.35 -5.03
CA TYR A 132 2.72 5.91 -4.99
C TYR A 132 4.19 5.60 -5.14
N PHE A 133 4.92 6.38 -5.94
CA PHE A 133 6.35 6.16 -6.01
C PHE A 133 7.01 6.44 -4.66
N SER A 134 6.70 7.58 -4.04
CA SER A 134 7.29 7.87 -2.75
C SER A 134 6.87 6.85 -1.70
N TRP A 135 5.65 6.32 -1.81
CA TRP A 135 5.19 5.29 -0.88
C TRP A 135 6.04 4.05 -1.00
N LEU A 136 6.19 3.54 -2.23
CA LEU A 136 7.02 2.36 -2.44
C LEU A 136 8.46 2.62 -2.02
N LEU A 137 8.94 3.84 -2.26
CA LEU A 137 10.33 4.18 -1.98
C LEU A 137 10.61 4.15 -0.49
N GLY A 138 9.79 4.83 0.30
CA GLY A 138 10.01 4.86 1.74
C GLY A 138 9.85 3.50 2.36
N LEU A 139 8.86 2.74 1.86
CA LEU A 139 8.57 1.37 2.36
C LEU A 139 9.77 0.43 2.15
N LEU A 140 10.32 0.37 0.94
CA LEU A 140 11.44 -0.53 0.67
C LEU A 140 12.76 0.01 1.19
N VAL A 141 13.01 1.32 1.09
CA VAL A 141 14.30 1.83 1.56
C VAL A 141 14.37 1.76 3.08
N GLY A 142 13.26 1.97 3.78
CA GLY A 142 13.28 1.72 5.20
C GLY A 142 13.62 0.27 5.52
N MET A 143 12.99 -0.68 4.80
CA MET A 143 13.27 -2.07 5.16
C MET A 143 14.73 -2.43 4.89
N VAL A 144 15.30 -1.92 3.80
CA VAL A 144 16.70 -2.20 3.51
C VAL A 144 17.59 -1.57 4.58
N PHE A 145 17.21 -0.36 5.03
CA PHE A 145 17.96 0.36 6.05
C PHE A 145 18.02 -0.46 7.33
N MET A 146 16.86 -0.93 7.79
CA MET A 146 16.83 -1.70 9.02
C MET A 146 17.51 -3.04 8.86
N ASN A 147 17.60 -3.57 7.63
CA ASN A 147 18.49 -4.71 7.42
C ASN A 147 19.94 -4.30 7.65
N LEU A 148 20.31 -3.10 7.19
CA LEU A 148 21.68 -2.64 7.39
C LEU A 148 22.00 -2.39 8.85
N LEU A 149 20.95 -2.09 9.64
CA LEU A 149 21.12 -1.78 11.09
C LEU A 149 21.27 -3.06 11.92
N ILE A 150 20.46 -4.08 11.65
CA ILE A 150 20.53 -5.30 12.44
C ILE A 150 21.87 -6.01 12.21
N LYS A 151 22.45 -5.83 11.03
CA LYS A 151 23.75 -6.40 10.72
C LYS A 151 24.88 -5.72 11.49
N VAL A 152 24.63 -4.55 12.07
CA VAL A 152 25.51 -3.96 13.08
C VAL A 152 25.16 -4.55 14.43
N HIS A 153 23.99 -4.18 14.94
CA HIS A 153 23.36 -4.86 16.06
C HIS A 153 21.88 -4.97 15.77
N PRO A 154 21.22 -6.04 16.22
CA PRO A 154 19.79 -6.17 15.96
C PRO A 154 18.99 -5.03 16.57
N THR A 155 18.60 -5.23 17.83
CA THR A 155 17.57 -4.42 18.47
C THR A 155 18.07 -3.07 18.98
N ARG A 156 19.38 -2.85 19.03
CA ARG A 156 19.89 -1.59 19.57
C ARG A 156 19.32 -0.39 18.82
N PHE A 157 19.38 -0.40 17.49
CA PHE A 157 19.16 0.83 16.73
C PHE A 157 17.68 1.15 16.49
N ALA A 158 16.82 0.83 17.46
CA ALA A 158 15.38 0.99 17.31
C ALA A 158 14.90 2.42 17.56
N PHE A 159 15.78 3.31 18.02
CA PHE A 159 15.43 4.72 18.03
C PHE A 159 15.37 5.30 16.62
N MET A 160 16.07 4.69 15.66
CA MET A 160 16.22 5.29 14.34
C MET A 160 14.91 5.29 13.56
N MET A 161 14.25 4.16 13.48
CA MET A 161 12.91 4.22 12.89
C MET A 161 11.91 4.84 13.87
N SER A 162 12.27 4.91 15.16
CA SER A 162 11.45 5.65 16.12
C SER A 162 11.54 7.17 15.92
N LEU A 163 12.65 7.67 15.35
CA LEU A 163 12.85 9.11 15.18
C LEU A 163 12.62 9.61 13.75
N VAL A 164 12.55 8.71 12.76
CA VAL A 164 12.17 9.16 11.44
C VAL A 164 10.77 9.76 11.49
N VAL A 165 9.90 9.16 12.29
CA VAL A 165 8.58 9.74 12.47
C VAL A 165 8.70 11.09 13.16
N LEU A 166 9.71 11.28 14.00
CA LEU A 166 9.88 12.58 14.65
C LEU A 166 10.22 13.66 13.63
N ILE A 167 11.14 13.36 12.71
CA ILE A 167 11.43 14.38 11.70
C ILE A 167 10.24 14.57 10.76
N ALA A 168 9.50 13.50 10.47
CA ALA A 168 8.34 13.64 9.58
C ALA A 168 7.27 14.51 10.21
N TRP A 169 7.10 14.41 11.54
CA TRP A 169 6.11 15.21 12.25
C TRP A 169 6.57 16.66 12.38
N ILE A 170 7.85 16.87 12.69
CA ILE A 170 8.39 18.23 12.74
C ILE A 170 8.23 18.90 11.38
N LEU A 171 8.49 18.14 10.32
CA LEU A 171 8.25 18.63 8.97
C LEU A 171 6.77 18.91 8.73
N TYR A 172 5.89 18.10 9.33
CA TYR A 172 4.46 18.31 9.15
C TYR A 172 4.01 19.63 9.74
N TYR A 173 4.67 20.08 10.81
CA TYR A 173 4.25 21.34 11.43
C TYR A 173 4.38 22.52 10.47
N PHE A 174 5.27 22.42 9.48
CA PHE A 174 5.40 23.46 8.46
C PHE A 174 4.31 23.43 7.40
N VAL A 175 3.48 22.39 7.35
CA VAL A 175 2.41 22.28 6.35
C VAL A 175 1.17 23.03 6.86
N ASP A 176 0.64 23.92 6.03
CA ASP A 176 -0.73 24.37 6.22
C ASP A 176 -1.66 23.19 6.01
N VAL A 177 -2.64 23.02 6.89
CA VAL A 177 -3.47 21.82 6.86
C VAL A 177 -4.29 21.80 5.58
N LYS A 178 -4.57 20.59 5.09
CA LYS A 178 -5.20 20.39 3.79
C LYS A 178 -6.72 20.32 3.85
N LEU A 179 -7.33 20.59 5.01
CA LEU A 179 -8.76 20.80 5.13
C LEU A 179 -9.01 21.66 6.37
N THR A 180 -10.25 22.09 6.56
CA THR A 180 -10.62 22.95 7.68
C THR A 180 -11.62 22.26 8.57
N ASN A 181 -11.24 22.05 9.84
CA ASN A 181 -12.20 21.53 10.81
C ASN A 181 -13.29 22.54 11.13
N TYR A 182 -12.95 23.83 11.09
CA TYR A 182 -13.88 24.96 11.28
C TYR A 182 -14.71 24.69 12.54
N ASN A 183 -16.04 24.70 12.45
CA ASN A 183 -16.91 24.33 13.57
C ASN A 183 -17.83 23.23 13.08
N THR A 184 -17.67 22.03 13.64
CA THR A 184 -18.47 20.88 13.22
C THR A 184 -19.82 20.94 13.94
N ARG A 185 -20.62 21.94 13.55
CA ARG A 185 -21.98 22.04 14.08
C ARG A 185 -22.80 20.79 13.80
N PRO A 186 -22.81 20.21 12.58
CA PRO A 186 -23.46 18.88 12.41
C PRO A 186 -22.54 17.76 12.88
N VAL A 187 -22.47 17.61 14.20
CA VAL A 187 -21.49 16.70 14.79
C VAL A 187 -21.79 15.24 14.43
N LYS A 188 -23.07 14.87 14.38
CA LYS A 188 -23.43 13.46 14.18
C LYS A 188 -24.42 13.25 13.06
N ALA A 189 -25.37 14.18 12.89
CA ALA A 189 -26.40 14.00 11.88
C ALA A 189 -25.82 13.93 10.47
N GLN A 190 -24.67 14.58 10.24
CA GLN A 190 -23.96 14.39 8.98
C GLN A 190 -22.91 13.31 9.05
N LEU A 191 -22.24 13.13 10.21
CA LEU A 191 -21.19 12.12 10.34
C LEU A 191 -21.74 10.73 10.05
N ARG A 192 -22.70 10.31 10.87
CA ARG A 192 -23.26 8.98 10.68
C ARG A 192 -23.96 8.86 9.34
N GLN A 193 -24.65 9.93 8.91
CA GLN A 193 -25.39 9.85 7.65
C GLN A 193 -24.46 9.66 6.46
N ILE A 194 -23.28 10.28 6.48
CA ILE A 194 -22.37 10.08 5.36
C ILE A 194 -21.70 8.72 5.46
N VAL A 195 -21.41 8.24 6.68
CA VAL A 195 -20.87 6.87 6.73
C VAL A 195 -21.91 5.88 6.25
N ASP A 196 -23.19 6.21 6.36
CA ASP A 196 -24.20 5.30 5.85
C ASP A 196 -24.33 5.40 4.33
N VAL A 197 -24.49 6.62 3.80
CA VAL A 197 -24.76 6.75 2.37
C VAL A 197 -23.56 6.33 1.54
N THR A 198 -22.35 6.47 2.08
CA THR A 198 -21.19 6.02 1.32
C THR A 198 -21.03 4.51 1.39
N LYS A 199 -21.22 3.92 2.58
CA LYS A 199 -21.22 2.47 2.70
C LYS A 199 -22.22 1.86 1.75
N ARG A 200 -23.46 2.36 1.77
CA ARG A 200 -24.53 1.81 0.95
C ARG A 200 -24.22 1.96 -0.54
N HIS A 201 -23.43 2.97 -0.90
CA HIS A 201 -23.04 3.13 -2.30
C HIS A 201 -21.89 2.18 -2.58
N LEU A 202 -22.12 1.23 -3.49
CA LEU A 202 -21.06 0.38 -4.04
C LEU A 202 -20.46 1.15 -5.19
N LEU A 203 -19.42 1.92 -4.89
CA LEU A 203 -18.66 2.61 -5.95
C LEU A 203 -17.63 1.63 -6.49
N LEU A 204 -18.14 0.57 -7.12
CA LEU A 204 -17.34 -0.55 -7.62
C LEU A 204 -16.51 -1.18 -6.51
N PHE A 205 -17.19 -1.54 -5.42
CA PHE A 205 -16.60 -2.42 -4.41
C PHE A 205 -16.03 -3.69 -5.02
N PRO A 206 -16.71 -4.38 -5.94
CA PRO A 206 -16.05 -5.52 -6.59
C PRO A 206 -14.76 -5.14 -7.25
N GLY A 207 -14.62 -3.90 -7.74
CA GLY A 207 -13.34 -3.49 -8.28
C GLY A 207 -12.24 -3.41 -7.23
N ILE A 208 -12.54 -2.77 -6.09
CA ILE A 208 -11.49 -2.40 -5.15
C ILE A 208 -11.03 -3.60 -4.33
N LEU A 209 -11.98 -4.31 -3.71
CA LEU A 209 -11.60 -5.43 -2.86
C LEU A 209 -10.95 -6.53 -3.70
N LEU A 210 -11.47 -6.78 -4.90
CA LEU A 210 -10.83 -7.75 -5.76
C LEU A 210 -9.46 -7.28 -6.23
N GLN A 211 -9.28 -5.97 -6.42
CA GLN A 211 -7.96 -5.47 -6.78
C GLN A 211 -6.95 -5.73 -5.67
N GLY A 212 -7.35 -5.52 -4.42
CA GLY A 212 -6.47 -5.84 -3.32
C GLY A 212 -6.25 -7.34 -3.18
N ALA A 213 -7.30 -8.13 -3.43
CA ALA A 213 -7.17 -9.59 -3.33
C ALA A 213 -6.25 -10.15 -4.40
N ALA A 214 -6.16 -9.46 -5.54
CA ALA A 214 -5.30 -9.93 -6.62
C ALA A 214 -3.86 -9.44 -6.49
N ILE A 215 -3.65 -8.18 -6.13
CA ILE A 215 -2.28 -7.65 -6.11
C ILE A 215 -1.43 -8.39 -5.07
N ALA A 216 -2.02 -8.79 -3.96
CA ALA A 216 -1.24 -9.31 -2.84
C ALA A 216 -1.22 -10.83 -2.77
N ALA A 217 -2.03 -11.53 -3.58
CA ALA A 217 -2.16 -12.98 -3.45
C ALA A 217 -0.93 -13.73 -3.91
N LEU A 218 -0.02 -13.09 -4.63
CA LEU A 218 1.13 -13.77 -5.22
C LEU A 218 2.46 -13.44 -4.57
N VAL A 219 2.60 -12.26 -3.96
CA VAL A 219 3.90 -11.83 -3.46
C VAL A 219 4.49 -12.79 -2.43
N PRO A 220 3.78 -13.21 -1.37
CA PRO A 220 4.36 -14.24 -0.48
C PRO A 220 4.71 -15.54 -1.18
N ILE A 221 3.90 -15.95 -2.17
CA ILE A 221 4.10 -17.23 -2.83
C ILE A 221 5.14 -17.16 -3.95
N LEU A 222 5.45 -15.97 -4.44
CA LEU A 222 6.43 -15.84 -5.52
C LEU A 222 7.80 -16.39 -5.17
N PRO A 223 8.38 -16.14 -3.99
CA PRO A 223 9.70 -16.71 -3.70
C PRO A 223 9.75 -18.23 -3.77
N THR A 224 8.67 -18.92 -3.40
CA THR A 224 8.61 -20.35 -3.63
C THR A 224 8.57 -20.69 -5.11
N TYR A 225 7.99 -19.79 -5.93
CA TYR A 225 8.03 -19.99 -7.37
C TYR A 225 9.44 -19.85 -7.93
N ALA A 226 10.33 -19.17 -7.20
CA ALA A 226 11.71 -19.08 -7.67
C ALA A 226 12.37 -20.44 -7.77
N THR A 227 11.92 -21.40 -6.97
CA THR A 227 12.44 -22.76 -7.08
C THR A 227 12.06 -23.39 -8.41
N LYS A 228 10.90 -23.02 -8.97
CA LYS A 228 10.44 -23.55 -10.25
C LYS A 228 10.79 -22.66 -11.43
N VAL A 229 11.53 -21.57 -11.22
CA VAL A 229 11.76 -20.60 -12.30
C VAL A 229 12.53 -21.25 -13.44
N ILE A 230 13.65 -21.91 -13.13
CA ILE A 230 14.50 -22.53 -14.14
C ILE A 230 15.50 -23.43 -13.45
N ASN A 231 16.16 -24.31 -14.20
CA ASN A 231 17.25 -25.10 -13.63
C ASN A 231 18.33 -24.15 -13.16
N VAL A 232 18.79 -24.36 -11.92
CA VAL A 232 19.69 -23.41 -11.27
C VAL A 232 21.08 -23.48 -11.91
N SER A 233 21.71 -22.32 -12.03
CA SER A 233 23.07 -22.21 -12.54
C SER A 233 23.91 -21.42 -11.55
N THR A 234 25.24 -21.58 -11.64
CA THR A 234 26.13 -21.00 -10.65
C THR A 234 26.06 -19.47 -10.64
N ILE A 235 25.80 -18.84 -11.79
CA ILE A 235 25.82 -17.37 -11.84
C ILE A 235 24.56 -16.83 -12.52
N GLU A 236 23.86 -17.70 -13.25
CA GLU A 236 22.76 -17.28 -14.10
C GLU A 236 21.38 -17.51 -13.49
N TYR A 237 21.34 -17.79 -12.18
CA TYR A 237 20.05 -18.14 -11.53
C TYR A 237 19.56 -17.05 -10.57
N THR A 238 19.98 -17.12 -9.31
CA THR A 238 19.49 -16.22 -8.27
C THR A 238 19.83 -14.77 -8.62
N VAL A 239 21.00 -14.55 -9.21
CA VAL A 239 21.33 -13.22 -9.69
C VAL A 239 20.38 -12.81 -10.82
N ALA A 240 19.97 -13.76 -11.65
CA ALA A 240 18.96 -13.46 -12.67
C ALA A 240 17.61 -13.13 -12.05
N ILE A 241 17.28 -13.76 -10.92
CA ILE A 241 16.06 -13.38 -10.21
C ILE A 241 16.18 -11.97 -9.64
N ILE A 242 17.38 -11.62 -9.17
CA ILE A 242 17.62 -10.25 -8.72
C ILE A 242 17.42 -9.28 -9.88
N ILE A 243 17.91 -9.64 -11.07
CA ILE A 243 17.72 -8.79 -12.24
C ILE A 243 16.25 -8.70 -12.63
N GLY A 244 15.49 -9.77 -12.42
CA GLY A 244 14.06 -9.71 -12.68
C GLY A 244 13.38 -8.74 -11.75
N GLY A 245 13.83 -8.69 -10.49
CA GLY A 245 13.35 -7.66 -9.59
C GLY A 245 13.81 -6.28 -9.99
N ILE A 246 15.01 -6.16 -10.54
CA ILE A 246 15.58 -4.85 -10.88
C ILE A 246 14.82 -4.23 -12.05
N GLY A 247 14.65 -4.98 -13.15
CA GLY A 247 14.00 -4.44 -14.32
C GLY A 247 12.51 -4.22 -14.11
N CYS A 248 11.92 -4.93 -13.14
CA CYS A 248 10.54 -4.67 -12.75
C CYS A 248 10.42 -3.41 -11.90
N ALA A 249 11.34 -3.20 -10.95
CA ALA A 249 11.25 -2.01 -10.11
C ALA A 249 11.40 -0.76 -10.95
N VAL A 250 12.30 -0.78 -11.93
CA VAL A 250 12.52 0.38 -12.78
C VAL A 250 11.23 0.77 -13.48
N SER A 251 10.43 -0.25 -13.79
CA SER A 251 9.09 -0.05 -14.41
C SER A 251 8.28 0.91 -13.53
N MET A 252 8.08 0.55 -12.25
CA MET A 252 7.36 1.46 -11.37
C MET A 252 8.15 2.76 -11.18
N LEU A 253 9.48 2.66 -11.15
CA LEU A 253 10.29 3.88 -11.14
C LEU A 253 10.07 4.69 -12.41
N PHE A 254 9.87 4.00 -13.54
CA PHE A 254 9.56 4.69 -14.79
C PHE A 254 8.22 5.41 -14.71
N LEU A 255 7.31 4.91 -13.88
CA LEU A 255 5.95 5.41 -13.82
C LEU A 255 5.70 6.30 -12.61
N SER A 256 6.76 6.79 -11.97
CA SER A 256 6.61 8.03 -11.22
C SER A 256 6.40 9.20 -12.18
N LYS A 257 7.18 9.23 -13.27
CA LYS A 257 7.35 10.44 -14.06
C LYS A 257 6.35 10.59 -15.20
N LEU A 258 5.94 9.50 -15.84
CA LEU A 258 5.15 9.60 -17.07
C LEU A 258 3.83 8.83 -16.92
N ILE A 259 3.07 9.18 -15.89
CA ILE A 259 1.71 8.70 -15.75
C ILE A 259 0.70 9.75 -16.16
N ASP A 260 0.92 11.02 -15.80
CA ASP A 260 0.14 12.08 -16.43
C ASP A 260 0.77 12.57 -17.73
N ASN A 261 1.98 12.12 -18.07
CA ASN A 261 2.45 12.27 -19.44
C ASN A 261 1.59 11.44 -20.38
N ARG A 262 0.88 10.43 -19.84
CA ARG A 262 -0.10 9.63 -20.58
C ARG A 262 -1.34 9.42 -19.70
N SER A 263 -2.05 10.52 -19.38
CA SER A 263 -3.34 10.45 -18.70
C SER A 263 -4.24 11.64 -19.06
N ARG A 264 -4.94 11.55 -20.19
CA ARG A 264 -5.82 12.62 -20.64
C ARG A 264 -7.09 12.04 -21.24
N ASN A 265 -8.18 12.81 -21.15
CA ASN A 265 -9.51 12.42 -21.65
C ASN A 265 -9.92 11.13 -20.91
N PHE A 266 -10.54 10.17 -21.60
CA PHE A 266 -11.11 9.00 -20.94
C PHE A 266 -10.02 8.00 -20.61
N MET A 267 -9.90 7.67 -19.32
CA MET A 267 -8.98 6.65 -18.85
C MET A 267 -9.55 5.25 -18.99
N TYR A 268 -10.81 5.11 -19.38
CA TYR A 268 -11.52 3.85 -19.25
C TYR A 268 -10.86 2.72 -20.04
N GLY A 269 -10.23 3.04 -21.17
CA GLY A 269 -9.64 1.98 -21.98
C GLY A 269 -8.34 1.45 -21.42
N VAL A 270 -7.49 2.32 -20.86
CA VAL A 270 -6.20 1.86 -20.36
C VAL A 270 -6.35 0.97 -19.13
N ILE A 271 -7.43 1.14 -18.36
CA ILE A 271 -7.64 0.32 -17.17
C ILE A 271 -7.88 -1.14 -17.57
N LEU A 272 -8.88 -1.36 -18.43
CA LEU A 272 -9.16 -2.71 -18.90
C LEU A 272 -8.02 -3.26 -19.74
N SER A 273 -7.31 -2.39 -20.47
CA SER A 273 -6.19 -2.87 -21.27
C SER A 273 -5.07 -3.40 -20.37
N GLY A 274 -4.77 -2.68 -19.27
CA GLY A 274 -3.80 -3.20 -18.33
C GLY A 274 -4.29 -4.46 -17.66
N PHE A 275 -5.61 -4.56 -17.42
CA PHE A 275 -6.17 -5.77 -16.83
C PHE A 275 -5.88 -6.99 -17.69
N ILE A 276 -6.27 -6.92 -18.96
CA ILE A 276 -6.04 -8.06 -19.85
C ILE A 276 -4.55 -8.25 -20.09
N LEU A 277 -3.74 -7.19 -20.02
CA LEU A 277 -2.32 -7.34 -20.24
C LEU A 277 -1.68 -8.16 -19.13
N TYR A 278 -1.96 -7.82 -17.88
CA TYR A 278 -1.39 -8.67 -16.84
C TYR A 278 -2.10 -10.02 -16.76
N MET A 279 -3.31 -10.14 -17.29
CA MET A 279 -3.87 -11.47 -17.51
C MET A 279 -2.95 -12.31 -18.40
N ILE A 280 -2.59 -11.76 -19.56
CA ILE A 280 -1.76 -12.49 -20.50
C ILE A 280 -0.38 -12.76 -19.91
N LEU A 281 0.15 -11.81 -19.14
CA LEU A 281 1.49 -12.02 -18.61
C LEU A 281 1.50 -13.04 -17.48
N ILE A 282 0.43 -13.09 -16.67
CA ILE A 282 0.33 -14.14 -15.67
C ILE A 282 0.15 -15.50 -16.32
N PHE A 283 -0.58 -15.55 -17.43
CA PHE A 283 -0.67 -16.80 -18.17
C PHE A 283 0.67 -17.20 -18.77
N THR A 284 1.51 -16.22 -19.12
CA THR A 284 2.83 -16.46 -19.65
C THR A 284 3.88 -16.66 -18.57
N LEU A 285 3.53 -16.46 -17.30
CA LEU A 285 4.51 -16.40 -16.23
C LEU A 285 4.96 -17.79 -15.79
N SER A 286 4.21 -18.41 -14.88
CA SER A 286 4.62 -19.70 -14.33
C SER A 286 4.61 -20.81 -15.37
N MET A 287 3.78 -20.66 -16.40
CA MET A 287 3.58 -21.77 -17.34
C MET A 287 4.83 -22.02 -18.19
N ILE A 288 5.35 -20.99 -18.84
CA ILE A 288 6.56 -21.10 -19.64
C ILE A 288 7.49 -19.96 -19.26
N VAL A 289 8.79 -20.23 -19.26
CA VAL A 289 9.74 -19.23 -18.79
C VAL A 289 11.11 -19.58 -19.33
N ASN A 290 11.87 -18.53 -19.65
CA ASN A 290 13.31 -18.60 -19.82
C ASN A 290 13.92 -17.53 -18.94
N ILE A 291 15.25 -17.59 -18.76
CA ILE A 291 15.90 -16.73 -17.79
C ILE A 291 15.65 -15.26 -18.11
N HIS A 292 15.78 -14.89 -19.38
CA HIS A 292 15.51 -13.51 -19.79
C HIS A 292 14.04 -13.25 -20.02
N ILE A 293 13.21 -14.30 -20.12
CA ILE A 293 11.77 -14.11 -20.27
C ILE A 293 11.20 -13.43 -19.03
N LEU A 294 11.72 -13.79 -17.85
CA LEU A 294 11.24 -13.15 -16.63
C LEU A 294 11.57 -11.67 -16.63
N TRP A 295 12.72 -11.28 -17.18
CA TRP A 295 13.16 -9.90 -17.09
C TRP A 295 12.20 -8.98 -17.84
N ILE A 296 11.85 -9.35 -19.07
CA ILE A 296 10.89 -8.55 -19.82
C ILE A 296 9.49 -8.72 -19.23
N ILE A 297 9.14 -9.94 -18.80
CA ILE A 297 7.84 -10.10 -18.18
C ILE A 297 7.78 -9.41 -16.83
N ALA A 298 8.92 -9.30 -16.13
CA ALA A 298 8.92 -8.53 -14.89
C ALA A 298 8.80 -7.04 -15.18
N LEU A 299 9.51 -6.56 -16.21
CA LEU A 299 9.37 -5.16 -16.58
C LEU A 299 7.95 -4.85 -17.00
N ALA A 300 7.29 -5.79 -17.67
CA ALA A 300 5.91 -5.58 -18.09
C ALA A 300 4.97 -5.62 -16.90
N ILE A 301 5.17 -6.56 -15.97
CA ILE A 301 4.28 -6.62 -14.82
C ILE A 301 4.46 -5.40 -13.93
N GLY A 302 5.68 -4.86 -13.87
CA GLY A 302 5.89 -3.66 -13.09
C GLY A 302 5.35 -2.42 -13.78
N LEU A 303 5.44 -2.37 -15.11
CA LEU A 303 4.81 -1.27 -15.82
C LEU A 303 3.30 -1.32 -15.66
N MET A 304 2.73 -2.52 -15.68
CA MET A 304 1.29 -2.65 -15.45
C MET A 304 0.94 -2.18 -14.04
N TYR A 305 1.76 -2.52 -13.05
CA TYR A 305 1.45 -2.09 -11.69
C TYR A 305 1.53 -0.57 -11.57
N GLY A 306 2.64 0.01 -12.05
CA GLY A 306 2.87 1.42 -11.85
C GLY A 306 2.03 2.31 -12.73
N ILE A 307 1.41 1.75 -13.77
CA ILE A 307 0.49 2.54 -14.59
C ILE A 307 -0.94 2.32 -14.13
N LEU A 308 -1.25 1.12 -13.60
CA LEU A 308 -2.63 0.82 -13.23
C LEU A 308 -3.01 1.48 -11.92
N LEU A 309 -2.15 1.40 -10.90
CA LEU A 309 -2.55 1.95 -9.60
C LEU A 309 -2.89 3.43 -9.65
N PRO A 310 -2.02 4.34 -10.15
CA PRO A 310 -2.45 5.75 -10.30
C PRO A 310 -3.64 5.94 -11.22
N ALA A 311 -3.74 5.17 -12.30
CA ALA A 311 -4.82 5.40 -13.25
C ALA A 311 -6.15 4.91 -12.71
N TRP A 312 -6.12 3.80 -11.95
CA TRP A 312 -7.32 3.36 -11.26
C TRP A 312 -7.73 4.37 -10.20
N ASN A 313 -6.76 5.00 -9.52
CA ASN A 313 -7.11 6.00 -8.52
C ASN A 313 -7.74 7.24 -9.17
N THR A 314 -7.11 7.73 -10.25
CA THR A 314 -7.67 8.89 -10.96
C THR A 314 -9.00 8.57 -11.60
N PHE A 315 -9.20 7.31 -12.01
CA PHE A 315 -10.49 6.90 -12.55
C PHE A 315 -11.58 6.97 -11.48
N MET A 316 -11.30 6.43 -10.29
CA MET A 316 -12.24 6.57 -9.19
C MET A 316 -12.54 8.04 -8.94
N ALA A 317 -11.50 8.86 -8.79
CA ALA A 317 -11.72 10.26 -8.46
C ALA A 317 -12.50 10.99 -9.55
N ARG A 318 -12.31 10.61 -10.81
CA ARG A 318 -13.10 11.17 -11.89
C ARG A 318 -14.55 10.71 -11.84
N PHE A 319 -14.84 9.57 -11.20
CA PHE A 319 -16.24 9.22 -11.06
C PHE A 319 -16.69 8.96 -9.61
N ILE A 320 -15.91 9.38 -8.60
CA ILE A 320 -16.47 9.47 -7.26
C ILE A 320 -17.32 10.73 -7.17
N LYS A 321 -18.33 10.69 -6.31
CA LYS A 321 -18.98 11.93 -5.93
C LYS A 321 -18.10 12.68 -4.95
N SER A 322 -18.13 14.01 -5.04
CA SER A 322 -17.16 14.88 -4.38
C SER A 322 -17.79 15.60 -3.19
N ASP A 323 -17.05 16.58 -2.66
CA ASP A 323 -17.41 17.34 -1.47
C ASP A 323 -17.66 16.44 -0.26
N GLU A 324 -17.09 15.22 -0.30
CA GLU A 324 -16.96 14.35 0.85
C GLU A 324 -15.68 13.55 0.76
N GLN A 325 -14.65 14.12 0.15
CA GLN A 325 -13.48 13.34 -0.27
C GLN A 325 -12.71 12.79 0.92
N GLU A 326 -12.81 13.43 2.10
CA GLU A 326 -12.02 12.98 3.24
C GLU A 326 -12.40 11.56 3.67
N GLU A 327 -13.67 11.18 3.51
CA GLU A 327 -14.12 9.84 3.84
C GLU A 327 -14.45 9.00 2.62
N THR A 328 -14.79 9.64 1.49
CA THR A 328 -15.02 8.90 0.26
C THR A 328 -13.77 8.13 -0.13
N TRP A 329 -12.59 8.66 0.23
CA TRP A 329 -11.34 7.96 0.02
C TRP A 329 -11.05 6.94 1.12
N GLY A 330 -11.44 7.26 2.36
CA GLY A 330 -11.13 6.37 3.46
C GLY A 330 -11.84 5.04 3.32
N VAL A 331 -13.09 5.07 2.84
CA VAL A 331 -13.80 3.81 2.61
C VAL A 331 -13.12 2.99 1.50
N PHE A 332 -12.63 3.66 0.46
CA PHE A 332 -11.94 2.94 -0.60
C PHE A 332 -10.68 2.29 -0.08
N ASN A 333 -9.94 3.00 0.78
CA ASN A 333 -8.71 2.43 1.33
C ASN A 333 -9.01 1.28 2.26
N SER A 334 -10.10 1.37 3.02
CA SER A 334 -10.49 0.25 3.88
C SER A 334 -10.77 -0.98 3.03
N ILE A 335 -11.60 -0.83 2.01
CA ILE A 335 -11.94 -2.01 1.20
C ILE A 335 -10.72 -2.52 0.44
N GLN A 336 -9.84 -1.60 0.02
CA GLN A 336 -8.68 -2.00 -0.75
C GLN A 336 -7.68 -2.77 0.11
N GLY A 337 -7.45 -2.32 1.35
CA GLY A 337 -6.56 -3.04 2.23
C GLY A 337 -7.15 -4.33 2.73
N PHE A 338 -8.47 -4.36 2.97
CA PHE A 338 -9.11 -5.61 3.35
C PHE A 338 -9.05 -6.63 2.23
N GLY A 339 -9.15 -6.18 0.98
CA GLY A 339 -8.92 -7.10 -0.11
C GLY A 339 -7.46 -7.52 -0.20
N SER A 340 -6.55 -6.59 0.08
CA SER A 340 -5.12 -6.87 0.05
C SER A 340 -4.70 -7.85 1.14
N MET A 341 -5.44 -7.94 2.23
CA MET A 341 -5.18 -8.96 3.23
C MET A 341 -5.91 -10.27 2.94
N ILE A 342 -7.14 -10.19 2.43
CA ILE A 342 -7.87 -11.39 2.05
C ILE A 342 -7.22 -12.11 0.88
N GLY A 343 -6.48 -11.38 0.04
CA GLY A 343 -5.84 -11.94 -1.13
C GLY A 343 -4.87 -13.06 -0.83
N PRO A 344 -3.79 -12.77 -0.09
CA PRO A 344 -2.87 -13.85 0.28
C PRO A 344 -3.54 -14.93 1.10
N LEU A 345 -4.51 -14.57 1.93
CA LEU A 345 -5.25 -15.55 2.72
C LEU A 345 -6.11 -16.46 1.83
N PHE A 346 -6.58 -15.96 0.69
CA PHE A 346 -7.37 -16.78 -0.22
C PHE A 346 -6.50 -17.55 -1.22
N GLY A 347 -5.40 -16.96 -1.67
CA GLY A 347 -4.51 -17.69 -2.56
C GLY A 347 -3.85 -18.87 -1.87
N GLY A 348 -3.51 -18.71 -0.59
CA GLY A 348 -2.87 -19.79 0.14
C GLY A 348 -3.80 -20.93 0.49
N LEU A 349 -5.11 -20.68 0.55
CA LEU A 349 -6.07 -21.76 0.72
C LEU A 349 -6.49 -22.38 -0.61
N ILE A 350 -6.52 -21.58 -1.68
CA ILE A 350 -6.73 -22.15 -3.00
C ILE A 350 -5.54 -23.04 -3.39
N THR A 351 -4.36 -22.76 -2.86
CA THR A 351 -3.18 -23.58 -3.14
C THR A 351 -3.09 -24.82 -2.26
N GLN A 352 -4.10 -25.10 -1.42
CA GLN A 352 -4.07 -26.32 -0.63
C GLN A 352 -4.07 -27.56 -1.51
N PHE A 353 -4.60 -27.44 -2.74
CA PHE A 353 -4.59 -28.53 -3.71
C PHE A 353 -3.32 -28.54 -4.56
N THR A 354 -2.99 -27.40 -5.19
CA THR A 354 -1.76 -27.26 -5.95
C THR A 354 -1.37 -25.80 -6.01
N ASN A 355 -0.05 -25.55 -6.08
CA ASN A 355 0.48 -24.19 -6.12
C ASN A 355 0.17 -23.47 -7.43
N ASN A 356 -0.07 -24.20 -8.51
CA ASN A 356 -0.39 -23.59 -9.79
C ASN A 356 -1.83 -23.08 -9.87
N LEU A 357 -2.67 -23.43 -8.90
CA LEU A 357 -4.04 -22.94 -8.90
C LEU A 357 -4.13 -21.47 -8.53
N ASN A 358 -3.08 -20.89 -7.96
CA ASN A 358 -3.08 -19.46 -7.66
C ASN A 358 -3.16 -18.63 -8.94
N ASN A 359 -2.37 -18.99 -9.96
CA ASN A 359 -2.37 -18.20 -11.19
C ASN A 359 -3.64 -18.40 -12.00
N THR A 360 -4.19 -19.62 -12.02
CA THR A 360 -5.50 -19.80 -12.66
C THR A 360 -6.59 -19.09 -11.86
N PHE A 361 -6.41 -18.96 -10.55
CA PHE A 361 -7.32 -18.13 -9.75
C PHE A 361 -7.23 -16.67 -10.17
N TYR A 362 -6.03 -16.20 -10.49
CA TYR A 362 -5.90 -14.85 -11.03
C TYR A 362 -6.53 -14.73 -12.43
N PHE A 363 -6.43 -15.80 -13.22
CA PHE A 363 -7.06 -15.79 -14.54
C PHE A 363 -8.58 -15.73 -14.44
N SER A 364 -9.14 -16.45 -13.46
CA SER A 364 -10.57 -16.33 -13.20
C SER A 364 -10.92 -14.94 -12.66
N ALA A 365 -10.00 -14.32 -11.89
CA ALA A 365 -10.24 -12.95 -11.44
C ALA A 365 -10.30 -12.00 -12.63
N LEU A 366 -9.49 -12.30 -13.65
CA LEU A 366 -9.45 -11.50 -14.91
C LEU A 366 -10.73 -11.76 -15.71
N ILE A 367 -11.20 -13.01 -15.75
CA ILE A 367 -12.41 -13.33 -16.49
C ILE A 367 -13.62 -12.63 -15.88
N PHE A 368 -13.70 -12.59 -14.53
CA PHE A 368 -14.73 -11.76 -13.92
C PHE A 368 -14.46 -10.28 -14.14
N LEU A 369 -13.18 -9.91 -14.29
CA LEU A 369 -12.86 -8.54 -14.63
C LEU A 369 -13.44 -8.16 -15.98
N VAL A 370 -13.44 -9.09 -16.93
CA VAL A 370 -14.04 -8.84 -18.24
C VAL A 370 -15.54 -8.63 -18.11
N LEU A 371 -16.17 -9.27 -17.13
CA LEU A 371 -17.58 -9.05 -16.89
C LEU A 371 -17.84 -7.66 -16.32
N ALA A 372 -17.04 -7.25 -15.34
CA ALA A 372 -17.31 -6.00 -14.62
C ALA A 372 -16.79 -4.75 -15.33
N VAL A 373 -15.83 -4.89 -16.25
CA VAL A 373 -15.35 -3.69 -16.97
C VAL A 373 -16.41 -3.18 -17.94
N PHE A 374 -17.31 -4.05 -18.40
CA PHE A 374 -18.36 -3.61 -19.32
C PHE A 374 -19.31 -2.64 -18.65
N TYR A 375 -19.38 -2.64 -17.32
CA TYR A 375 -20.29 -1.77 -16.59
C TYR A 375 -19.73 -0.35 -16.45
N GLY A 376 -18.41 -0.23 -16.24
CA GLY A 376 -17.81 1.08 -16.06
C GLY A 376 -17.56 1.88 -17.32
N SER A 377 -17.71 1.24 -18.48
CA SER A 377 -17.57 1.90 -19.76
C SER A 377 -18.71 1.46 -20.66
N TYR A 378 -19.42 2.44 -21.24
CA TYR A 378 -20.62 2.18 -22.01
C TYR A 378 -20.55 2.85 -23.38
#